data_7S0K
#
_entry.id   7S0K
#
_cell.length_a   102.960
_cell.length_b   197.010
_cell.length_c   74.180
_cell.angle_alpha   90.00
_cell.angle_beta   90.00
_cell.angle_gamma   90.00
#
_symmetry.space_group_name_H-M   'C 2 2 21'
#
loop_
_entity.id
_entity.type
_entity.pdbx_description
1 polymer 'HAP2-GCS1 domain-containing protein'
2 branched alpha-D-mannopyranose-(1-3)-beta-D-mannopyranose-(1-3)-beta-D-mannopyranose-(1-4)-2-acetamido-2-deoxy-beta-D-glucopyranose-(1-4)-2-acetamido-2-deoxy-beta-D-glucopyranose
3 non-polymer 2-acetamido-2-deoxy-beta-D-glucopyranose
4 non-polymer GLYCEROL
5 non-polymer DI(HYDROXYETHYL)ETHER
6 water water
#
_entity_poly.entity_id   1
_entity_poly.type   'polypeptide(L)'
_entity_poly.pdbx_seq_one_letter_code
;ASVGGSLTGVGSIVTCLDSGRPGSIPCSKKWVLTLAVENGATAASSSVSATQAVYGSSSANATVRSADNPNTVYAFKYQV
HITLTKSRIRLDYPLYYQSDFNNKPYEIVYKYNQKGPLNWLDNQCVATWGSSDPTCGYAYNPSWSTKPADRILYSQGFCC
DCNAGDLLGLSPNRIRGGLDCSLLNFDNPTESAHCLRFDSLWYSAFQIGEPDVNFVILVNVTKCPLANSTIKSISGLVGN
QDQAIQNCSTEIISLSPSSPIGYASNGKISAQAIGDFAPWEGTPSYSEKLFFVPSVCTDTSEAWCVDRISYIPTEINRWM
LIDNDLVTITGDTCDKIGVSYSAFTNEGQRCERPTQSCLHDQLQDYYDSDLALEQTGKVGSYFVQFFGDFDVSGLTPRNP
LLRFFTNRTQATEVVLQFAAEELFYTIYLAPARFLRHLSKINPFTSQSKGGLIDLWIVSEGTGQNAAQFTVSASCEPNVE
PIQAQIVTLAPGQLVSISLPIIETKATGGAGVCNCTLRNALGQVLDVLVLEFNASSVHHHHHHHH
;
_entity_poly.pdbx_strand_id   A
#
# COMPACT_ATOMS: atom_id res chain seq x y z
N VAL A 10 16.38 19.74 -15.69
CA VAL A 10 15.30 20.72 -15.66
C VAL A 10 14.24 20.34 -16.69
N GLY A 11 13.01 20.84 -16.49
CA GLY A 11 11.90 20.56 -17.37
C GLY A 11 11.48 21.80 -18.14
N SER A 12 10.61 21.58 -19.13
CA SER A 12 10.14 22.64 -20.01
C SER A 12 8.77 23.14 -19.56
N ILE A 13 8.22 24.07 -20.34
CA ILE A 13 6.90 24.65 -20.08
C ILE A 13 6.02 24.44 -21.30
N VAL A 14 4.82 23.91 -21.08
CA VAL A 14 3.89 23.58 -22.14
C VAL A 14 2.63 24.42 -21.98
N THR A 15 1.99 24.72 -23.11
CA THR A 15 0.67 25.34 -23.08
C THR A 15 -0.38 24.30 -22.69
N CYS A 16 -1.30 24.71 -21.83
CA CYS A 16 -2.29 23.79 -21.26
C CYS A 16 -3.39 23.54 -22.29
N LEU A 17 -3.31 22.40 -22.98
CA LEU A 17 -4.27 22.06 -24.01
C LEU A 17 -5.53 21.47 -23.40
N ASP A 18 -6.61 21.51 -24.18
CA ASP A 18 -7.89 20.93 -23.78
C ASP A 18 -7.77 19.42 -23.61
N ILE A 25 -6.35 19.61 -14.00
CA ILE A 25 -5.19 20.27 -14.60
C ILE A 25 -5.55 21.69 -15.06
N PRO A 26 -5.72 22.62 -14.11
CA PRO A 26 -6.17 23.97 -14.47
C PRO A 26 -5.04 24.98 -14.62
N CYS A 27 -4.81 25.46 -15.84
CA CYS A 27 -3.74 26.42 -16.09
C CYS A 27 -3.90 27.02 -17.47
N SER A 28 -3.17 28.11 -17.70
CA SER A 28 -2.92 28.63 -19.04
C SER A 28 -1.55 28.24 -19.56
N LYS A 29 -0.55 28.21 -18.68
CA LYS A 29 0.77 27.69 -18.99
C LYS A 29 1.20 26.78 -17.84
N LYS A 30 2.02 25.78 -18.16
CA LYS A 30 2.28 24.67 -17.25
C LYS A 30 3.76 24.30 -17.25
N TRP A 31 4.34 24.16 -16.06
CA TRP A 31 5.70 23.66 -15.89
C TRP A 31 5.66 22.17 -15.60
N VAL A 32 6.35 21.38 -16.41
CA VAL A 32 6.37 19.93 -16.28
C VAL A 32 7.79 19.48 -15.96
N LEU A 33 7.94 18.71 -14.88
CA LEU A 33 9.22 18.19 -14.44
C LEU A 33 9.05 16.72 -14.06
N THR A 34 10.04 15.91 -14.44
CA THR A 34 10.00 14.47 -14.19
C THR A 34 11.21 14.08 -13.34
N LEU A 35 10.94 13.54 -12.15
CA LEU A 35 11.96 13.12 -11.22
C LEU A 35 11.81 11.64 -10.88
N ALA A 36 12.86 11.08 -10.31
CA ALA A 36 12.87 9.69 -9.87
C ALA A 36 13.27 9.63 -8.40
N VAL A 37 12.55 8.82 -7.64
CA VAL A 37 12.84 8.61 -6.23
C VAL A 37 12.97 7.12 -5.99
N GLU A 38 13.91 6.73 -5.13
CA GLU A 38 14.14 5.34 -4.78
C GLU A 38 14.23 5.21 -3.27
N ASN A 39 13.75 4.08 -2.75
CA ASN A 39 13.78 3.81 -1.33
C ASN A 39 15.06 3.06 -0.97
N GLY A 40 15.47 3.20 0.29
CA GLY A 40 16.67 2.54 0.77
C GLY A 40 16.75 2.54 2.28
N ALA A 41 17.50 1.58 2.80
CA ALA A 41 17.68 1.46 4.25
C ALA A 41 18.81 2.39 4.68
N THR A 42 18.46 3.65 4.94
CA THR A 42 19.44 4.59 5.45
C THR A 42 19.79 4.29 6.90
N ALA A 43 20.95 4.78 7.34
CA ALA A 43 21.39 4.57 8.71
C ALA A 43 21.74 5.89 9.37
N ALA A 44 22.33 5.84 10.57
CA ALA A 44 22.74 7.06 11.24
C ALA A 44 23.83 7.78 10.46
N SER A 45 24.80 7.02 9.94
CA SER A 45 25.90 7.61 9.17
C SER A 45 25.40 8.11 7.82
N SER A 46 24.97 7.21 6.95
CA SER A 46 24.43 7.57 5.63
C SER A 46 22.91 7.58 5.74
N SER A 47 22.35 8.77 5.90
CA SER A 47 20.95 8.94 6.24
C SER A 47 20.09 9.41 5.09
N VAL A 48 20.64 9.51 3.88
CA VAL A 48 19.97 10.15 2.76
C VAL A 48 19.62 9.10 1.72
N SER A 49 18.32 8.88 1.53
CA SER A 49 17.80 8.20 0.35
C SER A 49 16.97 9.14 -0.51
N ALA A 50 16.70 10.35 -0.03
CA ALA A 50 15.79 11.27 -0.70
C ALA A 50 16.32 11.72 -2.05
N THR A 51 15.39 12.04 -2.95
CA THR A 51 15.68 12.79 -4.15
C THR A 51 15.25 14.23 -3.90
N GLN A 52 16.18 15.17 -4.05
CA GLN A 52 15.89 16.56 -3.78
C GLN A 52 16.55 17.43 -4.84
N ALA A 53 15.80 18.42 -5.32
CA ALA A 53 16.29 19.34 -6.34
C ALA A 53 15.82 20.74 -6.01
N VAL A 54 16.65 21.72 -6.31
CA VAL A 54 16.34 23.13 -6.10
C VAL A 54 16.36 23.83 -7.45
N TYR A 55 15.51 24.86 -7.56
CA TYR A 55 15.38 25.60 -8.80
C TYR A 55 15.21 27.08 -8.47
N GLY A 56 15.73 27.93 -9.36
CA GLY A 56 15.60 29.36 -9.16
C GLY A 56 16.44 29.94 -8.05
N SER A 57 17.52 29.26 -7.67
CA SER A 57 18.44 29.79 -6.66
C SER A 57 19.74 30.31 -7.26
N SER A 58 20.27 29.61 -8.26
CA SER A 58 21.48 30.07 -8.93
C SER A 58 21.14 31.09 -10.01
N SER A 59 22.15 31.87 -10.39
CA SER A 59 21.95 32.89 -11.42
C SER A 59 21.84 32.30 -12.82
N ALA A 60 22.18 31.03 -13.00
CA ALA A 60 22.12 30.37 -14.30
C ALA A 60 20.88 29.53 -14.50
N ASN A 61 20.39 28.86 -13.45
CA ASN A 61 19.19 28.03 -13.53
C ASN A 61 17.92 28.79 -13.17
N ALA A 62 17.88 30.10 -13.39
CA ALA A 62 16.72 30.90 -13.02
C ALA A 62 15.63 30.91 -14.09
N THR A 63 15.89 30.34 -15.26
CA THR A 63 14.95 30.39 -16.37
C THR A 63 14.66 28.99 -16.90
N VAL A 64 13.48 28.83 -17.50
CA VAL A 64 13.00 27.56 -18.03
C VAL A 64 12.60 27.76 -19.48
N ARG A 65 13.16 26.93 -20.36
CA ARG A 65 12.85 27.03 -21.79
C ARG A 65 11.39 26.66 -22.05
N SER A 66 10.80 27.32 -23.04
CA SER A 66 9.44 27.02 -23.47
C SER A 66 9.46 25.91 -24.50
N ALA A 67 8.38 25.11 -24.50
CA ALA A 67 8.26 24.03 -25.46
C ALA A 67 8.15 24.57 -26.89
N ASP A 68 7.14 25.41 -27.13
CA ASP A 68 6.91 26.03 -28.42
C ASP A 68 7.28 27.51 -28.34
N ASN A 69 7.65 28.08 -29.50
CA ASN A 69 8.10 29.46 -29.62
C ASN A 69 9.25 29.74 -28.66
N PRO A 70 10.49 29.47 -29.07
CA PRO A 70 11.63 29.68 -28.16
C PRO A 70 11.91 31.14 -27.85
N ASN A 71 11.23 32.07 -28.53
CA ASN A 71 11.39 33.50 -28.25
C ASN A 71 10.90 33.90 -26.86
N THR A 72 10.32 32.98 -26.10
CA THR A 72 9.83 33.25 -24.75
C THR A 72 10.48 32.30 -23.77
N VAL A 73 10.99 32.85 -22.67
CA VAL A 73 11.54 32.07 -21.57
C VAL A 73 10.89 32.56 -20.27
N TYR A 74 10.81 31.67 -19.29
CA TYR A 74 10.09 31.93 -18.06
C TYR A 74 11.04 31.87 -16.89
N ALA A 75 11.10 32.94 -16.10
CA ALA A 75 12.00 33.05 -14.98
C ALA A 75 11.27 32.78 -13.66
N PHE A 76 11.99 32.19 -12.71
CA PHE A 76 11.39 31.79 -11.45
C PHE A 76 11.07 33.01 -10.58
N LYS A 77 9.82 33.10 -10.13
CA LYS A 77 9.43 34.14 -9.19
C LYS A 77 9.85 33.80 -7.78
N TYR A 78 9.91 32.51 -7.45
CA TYR A 78 10.42 32.02 -6.17
C TYR A 78 11.43 30.92 -6.45
N GLN A 79 12.24 30.61 -5.43
CA GLN A 79 13.12 29.45 -5.51
C GLN A 79 12.37 28.23 -5.00
N VAL A 80 12.41 27.15 -5.76
CA VAL A 80 11.55 25.99 -5.56
C VAL A 80 12.38 24.86 -4.97
N HIS A 81 11.88 24.27 -3.89
CA HIS A 81 12.48 23.10 -3.26
C HIS A 81 11.50 21.94 -3.36
N ILE A 82 11.93 20.85 -3.99
CA ILE A 82 11.14 19.64 -4.08
C ILE A 82 11.95 18.47 -3.55
N THR A 83 11.35 17.71 -2.63
CA THR A 83 11.99 16.56 -2.00
C THR A 83 11.05 15.36 -2.14
N LEU A 84 11.59 14.22 -2.56
CA LEU A 84 10.84 13.00 -2.73
C LEU A 84 11.47 11.89 -1.90
N THR A 85 10.65 11.17 -1.14
CA THR A 85 11.09 10.03 -0.35
C THR A 85 10.11 8.89 -0.53
N LYS A 86 10.63 7.66 -0.49
CA LYS A 86 9.83 6.46 -0.75
C LYS A 86 9.88 5.53 0.44
N SER A 87 8.72 4.99 0.82
CA SER A 87 8.65 4.09 1.95
C SER A 87 9.20 2.71 1.59
N ARG A 88 9.25 1.82 2.56
CA ARG A 88 9.52 0.42 2.25
C ARG A 88 8.44 -0.10 1.31
N ILE A 89 8.80 -1.12 0.55
CA ILE A 89 7.89 -1.72 -0.43
C ILE A 89 7.18 -2.90 0.22
N ARG A 90 5.85 -2.91 0.14
CA ARG A 90 5.02 -3.90 0.81
C ARG A 90 4.23 -4.69 -0.21
N LEU A 91 4.06 -5.99 0.04
CA LEU A 91 3.22 -6.86 -0.77
C LEU A 91 1.88 -7.05 -0.06
N ASP A 92 0.80 -6.63 -0.72
CA ASP A 92 -0.54 -6.71 -0.17
C ASP A 92 -1.31 -7.82 -0.87
N TYR A 93 -1.74 -8.82 -0.10
CA TYR A 93 -2.42 -9.99 -0.65
C TYR A 93 -3.93 -9.85 -0.49
N PRO A 94 -4.70 -9.81 -1.57
CA PRO A 94 -6.16 -9.72 -1.44
C PRO A 94 -6.73 -10.94 -0.74
N LEU A 95 -7.67 -10.70 0.17
CA LEU A 95 -8.32 -11.75 0.94
C LEU A 95 -9.76 -11.94 0.49
N TYR A 96 -10.18 -13.20 0.38
CA TYR A 96 -11.54 -13.56 -0.02
C TYR A 96 -12.12 -14.44 1.06
N TYR A 97 -13.18 -13.95 1.73
CA TYR A 97 -13.75 -14.66 2.86
C TYR A 97 -14.34 -16.01 2.44
N GLN A 98 -13.99 -17.04 3.19
CA GLN A 98 -14.49 -18.40 2.95
C GLN A 98 -15.62 -18.72 3.91
N SER A 99 -15.28 -18.97 5.18
CA SER A 99 -16.25 -19.19 6.25
C SER A 99 -15.49 -19.14 7.57
N ASP A 100 -16.16 -19.53 8.66
CA ASP A 100 -15.56 -19.58 9.98
C ASP A 100 -15.35 -21.02 10.41
N PHE A 101 -14.36 -21.21 11.28
CA PHE A 101 -13.91 -22.53 11.69
C PHE A 101 -13.62 -22.53 13.18
N ASN A 102 -14.00 -23.61 13.85
CA ASN A 102 -13.84 -23.70 15.29
C ASN A 102 -12.40 -24.07 15.64
N ASN A 103 -11.93 -23.53 16.77
CA ASN A 103 -10.53 -23.69 17.14
C ASN A 103 -10.21 -25.12 17.53
N LYS A 104 -11.00 -25.71 18.42
CA LYS A 104 -10.79 -27.10 18.84
C LYS A 104 -12.13 -27.72 19.21
N PRO A 105 -12.74 -28.46 18.31
CA PRO A 105 -13.92 -29.25 18.68
C PRO A 105 -13.52 -30.37 19.63
N TYR A 106 -14.45 -30.73 20.51
CA TYR A 106 -14.20 -31.76 21.50
C TYR A 106 -15.43 -32.63 21.68
N GLU A 107 -15.19 -33.88 22.07
CA GLU A 107 -16.23 -34.86 22.31
C GLU A 107 -16.54 -34.93 23.80
N ILE A 108 -17.83 -34.97 24.13
CA ILE A 108 -18.30 -35.24 25.49
C ILE A 108 -19.02 -36.58 25.49
N VAL A 109 -18.84 -37.35 26.55
CA VAL A 109 -19.46 -38.66 26.70
C VAL A 109 -20.47 -38.59 27.84
N TYR A 110 -21.71 -39.03 27.57
CA TYR A 110 -22.76 -39.13 28.57
C TYR A 110 -23.06 -40.59 28.83
N LYS A 111 -23.01 -40.99 30.09
CA LYS A 111 -23.43 -42.32 30.50
C LYS A 111 -24.60 -42.29 31.48
N TYR A 112 -25.11 -41.10 31.80
CA TYR A 112 -26.30 -40.94 32.62
C TYR A 112 -27.21 -39.93 31.95
N ASN A 113 -28.47 -39.92 32.38
CA ASN A 113 -29.38 -38.82 32.10
C ASN A 113 -30.14 -38.51 33.38
N GLN A 114 -31.20 -37.70 33.26
CA GLN A 114 -31.97 -37.30 34.43
C GLN A 114 -32.67 -38.49 35.09
N LYS A 115 -32.78 -39.64 34.41
CA LYS A 115 -33.41 -40.82 34.98
C LYS A 115 -32.43 -41.78 35.62
N GLY A 116 -31.13 -41.63 35.35
CA GLY A 116 -30.14 -42.53 35.90
C GLY A 116 -29.17 -43.02 34.83
N PRO A 117 -28.45 -44.09 35.14
CA PRO A 117 -27.48 -44.62 34.18
C PRO A 117 -28.16 -45.12 32.91
N LEU A 118 -27.46 -44.94 31.79
CA LEU A 118 -27.95 -45.44 30.51
C LEU A 118 -27.76 -46.95 30.44
N ASN A 119 -28.81 -47.66 30.04
CA ASN A 119 -28.70 -49.10 29.83
C ASN A 119 -29.82 -49.55 28.90
N TRP A 120 -29.63 -50.76 28.36
CA TRP A 120 -30.53 -51.29 27.33
C TRP A 120 -31.89 -51.70 27.88
N LEU A 121 -32.05 -51.81 29.19
CA LEU A 121 -33.30 -52.32 29.76
C LEU A 121 -34.31 -51.22 30.02
N ASP A 122 -33.97 -50.25 30.88
CA ASP A 122 -34.95 -49.28 31.35
C ASP A 122 -34.61 -47.83 31.02
N ASN A 123 -33.47 -47.56 30.40
CA ASN A 123 -33.07 -46.18 30.15
C ASN A 123 -32.05 -46.12 29.03
N GLN A 124 -32.52 -46.28 27.80
CA GLN A 124 -31.63 -46.46 26.66
C GLN A 124 -31.07 -45.13 26.18
N CYS A 125 -29.86 -45.20 25.62
CA CYS A 125 -29.28 -44.06 24.93
C CYS A 125 -30.03 -43.82 23.63
N VAL A 126 -30.39 -42.56 23.37
CA VAL A 126 -31.21 -42.21 22.21
C VAL A 126 -30.40 -41.31 21.30
N ALA A 127 -30.14 -41.80 20.07
CA ALA A 127 -29.54 -40.92 19.07
C ALA A 127 -30.09 -41.20 17.67
N THR A 128 -31.21 -41.89 17.53
CA THR A 128 -31.80 -42.08 16.21
C THR A 128 -32.37 -40.78 15.69
N TRP A 129 -32.12 -40.50 14.42
CA TRP A 129 -32.58 -39.25 13.82
C TRP A 129 -34.10 -39.17 13.82
N GLY A 130 -34.63 -38.04 14.30
CA GLY A 130 -36.05 -37.80 14.39
C GLY A 130 -36.60 -37.86 15.79
N SER A 131 -35.86 -38.44 16.73
CA SER A 131 -36.33 -38.53 18.11
C SER A 131 -36.37 -37.15 18.75
N SER A 132 -37.42 -36.88 19.52
CA SER A 132 -37.49 -35.69 20.33
C SER A 132 -36.69 -35.82 21.61
N ASP A 133 -35.97 -36.92 21.79
CA ASP A 133 -35.42 -37.29 23.07
C ASP A 133 -33.91 -37.56 23.03
N PRO A 134 -33.12 -36.94 22.15
CA PRO A 134 -31.71 -37.36 22.05
C PRO A 134 -30.95 -36.99 23.32
N THR A 135 -30.17 -37.96 23.82
CA THR A 135 -29.39 -37.70 25.02
C THR A 135 -28.36 -36.60 24.81
N CYS A 136 -27.81 -36.49 23.60
CA CYS A 136 -26.88 -35.41 23.26
C CYS A 136 -27.56 -34.09 22.96
N GLY A 137 -28.87 -34.10 22.78
CA GLY A 137 -29.56 -32.94 22.22
C GLY A 137 -29.25 -32.77 20.74
N TYR A 138 -29.94 -31.85 20.08
CA TYR A 138 -29.63 -31.49 18.71
C TYR A 138 -28.87 -30.17 18.67
N ALA A 139 -28.28 -29.89 17.51
CA ALA A 139 -27.86 -28.55 17.15
C ALA A 139 -28.78 -28.04 16.04
N TYR A 140 -28.89 -26.72 15.94
CA TYR A 140 -29.87 -26.12 15.04
C TYR A 140 -29.21 -25.11 14.12
N ASN A 141 -29.88 -24.87 12.99
CA ASN A 141 -29.42 -23.91 11.99
C ASN A 141 -30.66 -23.12 11.56
N PRO A 142 -30.83 -21.88 12.04
CA PRO A 142 -29.93 -21.07 12.90
C PRO A 142 -29.73 -21.65 14.29
N SER A 143 -28.61 -21.29 14.93
CA SER A 143 -28.25 -21.91 16.22
C SER A 143 -29.25 -21.55 17.31
N TRP A 144 -29.90 -20.39 17.20
CA TRP A 144 -30.84 -19.95 18.22
C TRP A 144 -32.22 -20.57 18.09
N SER A 145 -32.43 -21.44 17.11
CA SER A 145 -33.75 -22.00 16.88
C SER A 145 -33.94 -23.28 17.68
N THR A 146 -35.20 -23.56 18.00
CA THR A 146 -35.60 -24.82 18.60
C THR A 146 -36.64 -25.53 17.76
N LYS A 147 -36.90 -25.06 16.55
CA LYS A 147 -37.83 -25.74 15.65
C LYS A 147 -37.21 -27.07 15.23
N PRO A 148 -37.97 -28.18 15.32
CA PRO A 148 -37.42 -29.47 14.86
C PRO A 148 -37.02 -29.46 13.40
N ALA A 149 -37.65 -28.63 12.57
CA ALA A 149 -37.28 -28.54 11.16
C ALA A 149 -35.88 -27.96 10.96
N ASP A 150 -35.33 -27.28 11.96
CA ASP A 150 -34.02 -26.66 11.87
C ASP A 150 -32.92 -27.51 12.49
N ARG A 151 -33.22 -28.75 12.85
CA ARG A 151 -32.20 -29.63 13.40
C ARG A 151 -31.13 -29.91 12.36
N ILE A 152 -29.88 -29.89 12.79
CA ILE A 152 -28.75 -30.21 11.92
C ILE A 152 -28.57 -31.72 11.90
N LEU A 153 -28.51 -32.29 10.70
CA LEU A 153 -28.35 -33.73 10.54
C LEU A 153 -27.09 -34.20 11.23
N TYR A 154 -27.18 -35.35 11.90
CA TYR A 154 -26.10 -36.03 12.61
C TYR A 154 -25.66 -35.29 13.88
N SER A 155 -26.28 -34.17 14.24
CA SER A 155 -25.82 -33.42 15.40
C SER A 155 -26.10 -34.15 16.71
N GLN A 156 -27.05 -35.09 16.72
CA GLN A 156 -27.37 -35.79 17.96
C GLN A 156 -26.30 -36.81 18.36
N GLY A 157 -25.23 -36.95 17.57
CA GLY A 157 -24.19 -37.89 17.94
C GLY A 157 -24.59 -39.33 17.69
N PHE A 158 -24.10 -40.22 18.54
CA PHE A 158 -24.38 -41.64 18.38
C PHE A 158 -24.21 -42.35 19.73
N CYS A 159 -24.77 -43.54 19.80
CA CYS A 159 -24.72 -44.37 20.99
C CYS A 159 -23.75 -45.53 20.81
N CYS A 160 -23.16 -45.96 21.93
CA CYS A 160 -22.37 -47.17 22.02
C CYS A 160 -22.92 -47.99 23.17
N ASP A 161 -22.87 -49.32 23.03
CA ASP A 161 -23.51 -50.19 24.01
C ASP A 161 -22.72 -51.49 24.14
N CYS A 162 -23.21 -52.36 25.01
CA CYS A 162 -22.60 -53.67 25.27
C CYS A 162 -23.27 -54.76 24.44
N ASN A 163 -23.35 -54.52 23.13
CA ASN A 163 -23.82 -55.50 22.16
C ASN A 163 -22.66 -55.87 21.24
N ALA A 164 -22.95 -56.78 20.31
CA ALA A 164 -21.99 -57.16 19.28
C ALA A 164 -22.22 -56.29 18.04
N GLY A 165 -21.19 -55.55 17.65
CA GLY A 165 -21.26 -54.75 16.45
C GLY A 165 -21.28 -55.61 15.20
N ASP A 166 -21.33 -54.94 14.05
CA ASP A 166 -21.31 -55.66 12.79
C ASP A 166 -19.97 -56.34 12.56
N LEU A 167 -18.88 -55.79 13.09
CA LEU A 167 -17.57 -56.38 12.93
C LEU A 167 -17.30 -57.41 14.04
N LEU A 168 -16.15 -58.07 13.95
CA LEU A 168 -15.81 -59.15 14.85
C LEU A 168 -15.49 -58.64 16.25
N GLY A 169 -15.67 -59.51 17.24
CA GLY A 169 -15.30 -59.23 18.62
C GLY A 169 -16.44 -59.49 19.58
N LEU A 170 -16.08 -59.46 20.86
CA LEU A 170 -17.01 -59.62 21.98
C LEU A 170 -17.11 -58.29 22.73
N SER A 171 -18.29 -57.69 22.70
CA SER A 171 -18.53 -56.36 23.24
C SER A 171 -17.48 -55.34 22.79
N PRO A 172 -17.27 -55.20 21.47
CA PRO A 172 -16.21 -54.30 20.99
C PRO A 172 -16.57 -52.83 21.07
N ASN A 173 -17.86 -52.49 21.18
CA ASN A 173 -18.31 -51.12 21.19
C ASN A 173 -18.21 -50.47 22.58
N ARG A 174 -17.58 -51.14 23.53
CA ARG A 174 -17.47 -50.61 24.88
C ARG A 174 -16.34 -49.60 25.03
N ILE A 175 -15.45 -49.50 24.05
CA ILE A 175 -14.15 -48.87 24.29
C ILE A 175 -14.27 -47.36 24.38
N ARG A 176 -15.04 -46.74 23.50
CA ARG A 176 -15.07 -45.28 23.45
C ARG A 176 -15.61 -44.69 24.75
N GLY A 177 -16.70 -45.25 25.26
CA GLY A 177 -17.28 -44.75 26.49
C GLY A 177 -16.71 -45.31 27.77
N GLY A 178 -15.78 -46.25 27.70
CA GLY A 178 -15.24 -46.88 28.88
C GLY A 178 -16.28 -47.67 29.64
N LEU A 179 -17.05 -48.48 28.94
CA LEU A 179 -18.13 -49.25 29.56
C LEU A 179 -17.59 -50.57 30.12
N ASP A 180 -18.10 -50.94 31.29
CA ASP A 180 -17.83 -52.23 31.91
C ASP A 180 -18.98 -53.15 31.53
N CYS A 181 -18.80 -53.94 30.48
CA CYS A 181 -19.85 -54.82 29.98
C CYS A 181 -19.93 -56.15 30.72
N SER A 182 -19.30 -56.26 31.90
CA SER A 182 -19.31 -57.50 32.67
C SER A 182 -20.11 -57.41 33.96
N LEU A 183 -20.45 -56.22 34.42
CA LEU A 183 -21.20 -56.06 35.67
C LEU A 183 -22.69 -56.15 35.40
N LEU A 184 -23.37 -57.01 36.15
CA LEU A 184 -24.83 -57.08 36.15
C LEU A 184 -25.31 -56.31 37.38
N ASN A 185 -25.57 -55.02 37.17
CA ASN A 185 -25.74 -54.07 38.26
C ASN A 185 -26.42 -52.84 37.69
N PHE A 186 -27.56 -52.44 38.27
CA PHE A 186 -28.33 -51.32 37.74
C PHE A 186 -27.69 -49.96 38.03
N ASP A 187 -26.67 -49.89 38.87
CA ASP A 187 -25.89 -48.67 38.99
C ASP A 187 -24.87 -48.53 37.87
N ASN A 188 -24.59 -49.62 37.15
CA ASN A 188 -23.58 -49.62 36.11
C ASN A 188 -24.22 -49.27 34.77
N PRO A 189 -23.80 -48.20 34.11
CA PRO A 189 -24.31 -47.93 32.76
C PRO A 189 -23.77 -48.94 31.76
N THR A 190 -24.62 -49.32 30.81
CA THR A 190 -24.21 -50.24 29.76
C THR A 190 -24.25 -49.60 28.39
N GLU A 191 -24.57 -48.32 28.31
CA GLU A 191 -24.59 -47.59 27.05
C GLU A 191 -23.98 -46.22 27.27
N SER A 192 -23.46 -45.64 26.19
CA SER A 192 -22.86 -44.30 26.27
C SER A 192 -23.25 -43.48 25.06
N ALA A 193 -23.47 -42.20 25.28
CA ALA A 193 -23.74 -41.24 24.22
C ALA A 193 -22.49 -40.43 23.95
N HIS A 194 -22.31 -40.02 22.69
CA HIS A 194 -21.11 -39.33 22.25
C HIS A 194 -21.51 -38.12 21.42
N CYS A 195 -21.21 -36.93 21.93
CA CYS A 195 -21.69 -35.68 21.37
C CYS A 195 -20.52 -34.81 20.92
N LEU A 196 -20.68 -34.14 19.79
CA LEU A 196 -19.68 -33.22 19.28
C LEU A 196 -19.97 -31.81 19.79
N ARG A 197 -18.93 -31.14 20.29
CA ARG A 197 -19.05 -29.79 20.82
C ARG A 197 -17.93 -28.93 20.26
N PHE A 198 -18.16 -27.62 20.26
CA PHE A 198 -17.20 -26.65 19.74
C PHE A 198 -16.78 -25.70 20.85
N ASP A 199 -15.48 -25.46 20.98
CA ASP A 199 -14.99 -24.58 22.03
C ASP A 199 -15.31 -23.13 21.69
N SER A 200 -14.89 -22.21 22.56
CA SER A 200 -15.37 -20.83 22.47
C SER A 200 -14.79 -20.09 21.28
N LEU A 201 -13.59 -20.46 20.82
CA LEU A 201 -12.85 -19.66 19.86
C LEU A 201 -13.14 -20.09 18.43
N TRP A 202 -13.50 -19.12 17.60
CA TRP A 202 -13.77 -19.36 16.17
C TRP A 202 -12.85 -18.48 15.34
N TYR A 203 -12.20 -19.09 14.34
CA TYR A 203 -11.37 -18.40 13.38
C TYR A 203 -12.17 -18.08 12.13
N SER A 204 -11.84 -16.95 11.49
CA SER A 204 -12.30 -16.65 10.14
C SER A 204 -11.19 -17.01 9.17
N ALA A 205 -11.54 -17.73 8.11
CA ALA A 205 -10.59 -18.19 7.12
C ALA A 205 -10.81 -17.47 5.80
N PHE A 206 -9.72 -17.12 5.12
CA PHE A 206 -9.78 -16.40 3.85
C PHE A 206 -8.95 -17.13 2.82
N GLN A 207 -9.42 -17.13 1.58
CA GLN A 207 -8.56 -17.48 0.47
C GLN A 207 -7.69 -16.28 0.10
N ILE A 208 -6.60 -16.55 -0.60
CA ILE A 208 -5.56 -15.55 -0.86
C ILE A 208 -5.34 -15.41 -2.35
N GLY A 209 -5.35 -14.17 -2.84
CA GLY A 209 -5.02 -13.89 -4.22
C GLY A 209 -3.57 -13.51 -4.41
N GLU A 210 -3.24 -13.11 -5.63
CA GLU A 210 -1.87 -12.71 -5.93
C GLU A 210 -1.62 -11.29 -5.44
N PRO A 211 -0.42 -11.00 -4.94
CA PRO A 211 -0.20 -9.74 -4.22
C PRO A 211 -0.18 -8.53 -5.15
N ASP A 212 -0.51 -7.38 -4.55
CA ASP A 212 -0.27 -6.07 -5.15
C ASP A 212 0.88 -5.39 -4.40
N VAL A 213 1.68 -4.63 -5.14
CA VAL A 213 2.74 -3.82 -4.55
C VAL A 213 2.12 -2.59 -3.89
N ASN A 214 2.68 -2.18 -2.76
CA ASN A 214 2.25 -0.96 -2.11
C ASN A 214 3.45 -0.23 -1.52
N PHE A 215 3.42 1.09 -1.59
CA PHE A 215 4.42 1.95 -1.00
C PHE A 215 3.83 3.34 -0.90
N VAL A 216 4.53 4.22 -0.20
CA VAL A 216 4.15 5.62 -0.09
C VAL A 216 5.32 6.48 -0.56
N ILE A 217 5.01 7.47 -1.39
CA ILE A 217 5.97 8.47 -1.83
C ILE A 217 5.50 9.82 -1.30
N LEU A 218 6.33 10.45 -0.49
CA LEU A 218 6.05 11.79 0.03
C LEU A 218 6.73 12.82 -0.85
N VAL A 219 5.95 13.77 -1.35
CA VAL A 219 6.44 14.85 -2.21
C VAL A 219 6.31 16.15 -1.44
N ASN A 220 7.44 16.76 -1.09
CA ASN A 220 7.47 18.02 -0.37
C ASN A 220 7.86 19.11 -1.36
N VAL A 221 6.94 20.03 -1.62
CA VAL A 221 7.18 21.19 -2.48
C VAL A 221 7.22 22.43 -1.59
N THR A 222 8.36 23.11 -1.56
CA THR A 222 8.58 24.24 -0.67
C THR A 222 8.96 25.46 -1.50
N LYS A 223 8.12 26.50 -1.42
CA LYS A 223 8.39 27.77 -2.11
C LYS A 223 8.99 28.76 -1.12
N CYS A 224 10.11 29.36 -1.52
CA CYS A 224 10.80 30.35 -0.71
C CYS A 224 11.08 31.59 -1.53
N PRO A 225 11.15 32.76 -0.89
CA PRO A 225 11.46 33.98 -1.63
C PRO A 225 12.83 33.90 -2.29
N LEU A 226 13.02 34.77 -3.28
CA LEU A 226 14.31 34.86 -3.94
C LEU A 226 15.29 35.66 -3.08
N ALA A 227 16.58 35.34 -3.24
CA ALA A 227 17.63 36.03 -2.50
C ALA A 227 18.77 36.35 -3.45
N ASN A 228 19.29 37.57 -3.37
CA ASN A 228 20.40 37.99 -4.21
C ASN A 228 21.35 38.89 -3.42
N ASN A 247 9.24 34.56 4.22
CA ASN A 247 8.80 33.27 4.76
C ASN A 247 8.68 32.23 3.65
N CYS A 248 8.85 30.97 4.01
CA CYS A 248 8.73 29.86 3.07
C CYS A 248 7.38 29.17 3.24
N SER A 249 6.88 28.60 2.15
CA SER A 249 5.65 27.82 2.14
C SER A 249 5.97 26.37 1.82
N THR A 250 5.13 25.45 2.33
CA THR A 250 5.37 24.03 2.16
C THR A 250 4.06 23.30 1.95
N GLU A 251 4.02 22.47 0.89
CA GLU A 251 2.88 21.60 0.61
C GLU A 251 3.38 20.17 0.49
N ILE A 252 2.64 19.23 1.07
CA ILE A 252 3.01 17.81 1.07
C ILE A 252 1.98 17.04 0.26
N ILE A 253 2.46 16.25 -0.69
CA ILE A 253 1.63 15.38 -1.51
C ILE A 253 2.05 13.93 -1.26
N SER A 254 1.08 13.06 -1.01
CA SER A 254 1.33 11.64 -0.80
C SER A 254 0.88 10.85 -2.02
N LEU A 255 1.71 9.90 -2.43
CA LEU A 255 1.42 9.07 -3.60
C LEU A 255 1.60 7.59 -3.26
N SER A 256 0.78 6.76 -3.88
CA SER A 256 0.78 5.32 -3.68
C SER A 256 0.32 4.66 -4.96
N PRO A 257 0.61 3.37 -5.15
CA PRO A 257 0.14 2.70 -6.38
C PRO A 257 -1.37 2.73 -6.53
N SER A 258 -2.12 2.67 -5.43
CA SER A 258 -3.58 2.76 -5.52
C SER A 258 -4.06 4.19 -5.65
N SER A 259 -3.28 5.17 -5.18
CA SER A 259 -3.64 6.58 -5.25
C SER A 259 -2.46 7.34 -5.84
N PRO A 260 -2.23 7.21 -7.14
CA PRO A 260 -0.97 7.67 -7.74
C PRO A 260 -0.94 9.15 -8.10
N ILE A 261 -2.02 9.90 -7.90
CA ILE A 261 -2.08 11.30 -8.31
C ILE A 261 -2.57 12.13 -7.14
N GLY A 262 -1.79 13.13 -6.75
CA GLY A 262 -2.17 14.02 -5.67
C GLY A 262 -2.01 15.47 -6.09
N TYR A 263 -2.69 16.35 -5.36
CA TYR A 263 -2.74 17.77 -5.68
C TYR A 263 -2.33 18.59 -4.47
N ALA A 264 -2.13 19.89 -4.71
CA ALA A 264 -1.69 20.79 -3.66
C ALA A 264 -1.94 22.23 -4.10
N SER A 265 -2.16 23.10 -3.13
CA SER A 265 -2.37 24.54 -3.32
C SER A 265 -3.50 24.80 -4.32
N ASN A 266 -4.68 24.28 -3.99
CA ASN A 266 -5.91 24.52 -4.74
C ASN A 266 -5.77 24.07 -6.20
N GLY A 267 -5.21 22.88 -6.39
CA GLY A 267 -5.07 22.33 -7.71
C GLY A 267 -4.00 22.97 -8.57
N LYS A 268 -3.20 23.88 -8.02
CA LYS A 268 -2.14 24.52 -8.80
C LYS A 268 -0.97 23.57 -9.05
N ILE A 269 -0.82 22.53 -8.24
CA ILE A 269 0.29 21.59 -8.35
C ILE A 269 -0.30 20.18 -8.38
N SER A 270 0.32 19.30 -9.17
CA SER A 270 -0.05 17.90 -9.20
C SER A 270 1.20 17.04 -9.34
N ALA A 271 1.20 15.90 -8.65
CA ALA A 271 2.27 14.92 -8.75
C ALA A 271 1.65 13.57 -9.07
N GLN A 272 2.37 12.77 -9.86
CA GLN A 272 1.87 11.47 -10.29
C GLN A 272 3.01 10.47 -10.34
N ALA A 273 2.86 9.35 -9.62
CA ALA A 273 3.79 8.24 -9.76
C ALA A 273 3.49 7.47 -11.03
N ILE A 274 4.55 7.00 -11.68
CA ILE A 274 4.45 6.42 -13.01
C ILE A 274 5.26 5.13 -13.04
N GLY A 275 4.72 4.11 -13.71
CA GLY A 275 5.44 2.87 -13.92
C GLY A 275 4.56 1.65 -13.85
N ASP A 276 5.15 0.47 -14.00
CA ASP A 276 4.44 -0.79 -13.84
C ASP A 276 4.59 -1.21 -12.38
N PHE A 277 3.57 -0.94 -11.58
CA PHE A 277 3.56 -1.31 -10.17
C PHE A 277 3.27 -2.78 -9.95
N ALA A 278 3.29 -3.59 -11.01
CA ALA A 278 2.99 -5.00 -10.86
C ALA A 278 4.06 -5.67 -10.01
N PRO A 279 3.68 -6.71 -9.26
CA PRO A 279 4.68 -7.49 -8.53
C PRO A 279 5.69 -8.12 -9.47
N TRP A 280 6.87 -8.42 -8.92
CA TRP A 280 7.97 -8.96 -9.69
C TRP A 280 7.94 -10.49 -9.66
N GLU A 281 8.78 -11.09 -10.51
CA GLU A 281 8.92 -12.53 -10.51
C GLU A 281 9.62 -13.00 -9.23
N GLY A 282 9.11 -14.10 -8.66
CA GLY A 282 9.67 -14.65 -7.44
C GLY A 282 8.98 -14.21 -6.17
N THR A 283 8.00 -13.31 -6.25
CA THR A 283 7.26 -12.92 -5.06
C THR A 283 6.58 -14.14 -4.47
N PRO A 284 6.59 -14.28 -3.15
CA PRO A 284 5.97 -15.46 -2.54
C PRO A 284 4.46 -15.48 -2.77
N SER A 285 3.96 -16.65 -3.13
CA SER A 285 2.54 -16.88 -3.35
C SER A 285 1.98 -17.75 -2.23
N TYR A 286 0.79 -17.39 -1.76
CA TYR A 286 0.11 -18.15 -0.72
C TYR A 286 -1.26 -18.63 -1.21
N SER A 287 -1.36 -18.92 -2.50
CA SER A 287 -2.65 -19.28 -3.09
C SER A 287 -3.19 -20.56 -2.48
N GLU A 288 -2.34 -21.59 -2.39
CA GLU A 288 -2.74 -22.89 -1.87
C GLU A 288 -3.09 -22.86 -0.39
N LYS A 289 -2.92 -21.73 0.29
CA LYS A 289 -3.14 -21.64 1.72
C LYS A 289 -4.41 -20.85 2.02
N LEU A 290 -4.83 -20.93 3.28
CA LEU A 290 -5.92 -20.13 3.80
C LEU A 290 -5.39 -19.26 4.94
N PHE A 291 -5.86 -18.01 4.98
CA PHE A 291 -5.51 -17.09 6.04
C PHE A 291 -6.50 -17.28 7.19
N PHE A 292 -5.99 -17.74 8.34
CA PHE A 292 -6.83 -18.05 9.49
C PHE A 292 -6.66 -16.96 10.55
N VAL A 293 -7.67 -16.13 10.71
CA VAL A 293 -7.66 -15.01 11.66
C VAL A 293 -8.61 -15.34 12.80
N PRO A 294 -8.16 -15.27 14.05
CA PRO A 294 -9.09 -15.47 15.18
C PRO A 294 -10.06 -14.31 15.28
N SER A 295 -11.33 -14.62 15.53
CA SER A 295 -12.35 -13.59 15.37
C SER A 295 -13.32 -13.54 16.54
N VAL A 296 -13.84 -14.69 16.96
CA VAL A 296 -15.05 -14.74 17.77
C VAL A 296 -14.80 -15.60 19.00
N CYS A 297 -15.25 -15.11 20.15
CA CYS A 297 -15.40 -15.92 21.36
C CYS A 297 -16.88 -16.05 21.66
N THR A 298 -17.40 -17.28 21.58
CA THR A 298 -18.80 -17.50 21.92
C THR A 298 -19.05 -17.44 23.42
N ASP A 299 -18.04 -17.68 24.23
CA ASP A 299 -18.10 -17.54 25.69
C ASP A 299 -17.03 -16.55 26.09
N THR A 300 -17.40 -15.27 26.22
CA THR A 300 -16.44 -14.22 26.53
C THR A 300 -15.86 -14.31 27.93
N SER A 301 -16.33 -15.25 28.75
CA SER A 301 -15.84 -15.39 30.12
C SER A 301 -14.58 -16.25 30.20
N GLU A 302 -14.05 -16.71 29.07
CA GLU A 302 -12.84 -17.51 29.05
C GLU A 302 -11.68 -16.60 28.65
N ALA A 303 -10.84 -16.26 29.63
CA ALA A 303 -9.78 -15.30 29.39
C ALA A 303 -8.82 -15.75 28.31
N TRP A 304 -8.57 -17.06 28.20
CA TRP A 304 -7.70 -17.55 27.14
C TRP A 304 -8.26 -17.22 25.77
N CYS A 305 -9.58 -17.22 25.63
CA CYS A 305 -10.19 -16.93 24.34
C CYS A 305 -10.05 -15.44 24.01
N VAL A 306 -10.32 -14.57 24.98
CA VAL A 306 -10.20 -13.13 24.75
C VAL A 306 -8.77 -12.76 24.36
N ASP A 307 -7.79 -13.49 24.87
CA ASP A 307 -6.40 -13.23 24.48
C ASP A 307 -6.16 -13.61 23.03
N ARG A 308 -6.70 -14.75 22.60
CA ARG A 308 -6.41 -15.24 21.25
C ARG A 308 -6.94 -14.30 20.17
N ILE A 309 -7.95 -13.49 20.48
CA ILE A 309 -8.50 -12.56 19.50
C ILE A 309 -8.02 -11.14 19.72
N SER A 310 -7.15 -10.90 20.70
CA SER A 310 -6.70 -9.55 20.99
C SER A 310 -5.80 -9.04 19.88
N TYR A 311 -6.05 -7.80 19.44
CA TYR A 311 -5.28 -7.20 18.35
C TYR A 311 -4.05 -6.47 18.89
N ILE A 312 -3.15 -7.26 19.47
CA ILE A 312 -1.85 -6.76 19.92
C ILE A 312 -0.78 -7.45 19.08
N PRO A 313 0.39 -6.83 18.87
CA PRO A 313 1.34 -7.37 17.88
C PRO A 313 1.83 -8.78 18.18
N THR A 314 1.97 -9.16 19.45
CA THR A 314 2.48 -10.50 19.74
C THR A 314 1.47 -11.59 19.36
N GLU A 315 0.18 -11.29 19.41
CA GLU A 315 -0.83 -12.29 19.04
C GLU A 315 -1.20 -12.21 17.56
N ILE A 316 -1.18 -11.02 16.97
CA ILE A 316 -1.44 -10.90 15.53
C ILE A 316 -0.37 -11.64 14.73
N ASN A 317 0.89 -11.55 15.17
CA ASN A 317 1.97 -12.33 14.56
C ASN A 317 1.79 -13.82 14.75
N ARG A 318 0.78 -14.26 15.52
CA ARG A 318 0.45 -15.66 15.68
C ARG A 318 -0.76 -16.07 14.87
N TRP A 319 -1.25 -15.20 13.98
CA TRP A 319 -2.23 -15.63 12.99
C TRP A 319 -1.55 -16.57 11.99
N MET A 320 -2.35 -17.39 11.32
CA MET A 320 -1.80 -18.56 10.66
C MET A 320 -2.16 -18.62 9.18
N LEU A 321 -1.17 -19.05 8.38
CA LEU A 321 -1.39 -19.51 7.02
C LEU A 321 -1.29 -21.03 7.06
N ILE A 322 -2.35 -21.72 6.60
CA ILE A 322 -2.44 -23.17 6.68
C ILE A 322 -2.87 -23.69 5.31
N ASP A 323 -2.17 -24.72 4.83
CA ASP A 323 -2.50 -25.32 3.54
C ASP A 323 -3.96 -25.74 3.48
N ASN A 324 -4.58 -25.53 2.33
CA ASN A 324 -6.01 -25.77 2.20
C ASN A 324 -6.36 -27.25 2.37
N ASP A 325 -5.46 -28.14 1.96
CA ASP A 325 -5.75 -29.57 2.07
C ASP A 325 -5.74 -30.08 3.51
N LEU A 326 -5.40 -29.24 4.49
CA LEU A 326 -5.56 -29.56 5.90
C LEU A 326 -6.91 -29.12 6.45
N VAL A 327 -7.77 -28.57 5.60
CA VAL A 327 -9.06 -28.02 5.97
C VAL A 327 -10.16 -28.78 5.23
N THR A 328 -11.31 -28.94 5.89
CA THR A 328 -12.51 -29.48 5.25
C THR A 328 -13.61 -28.43 5.31
N ILE A 329 -13.91 -27.83 4.15
CA ILE A 329 -14.96 -26.82 4.13
C ILE A 329 -16.35 -27.45 4.28
N THR A 330 -16.49 -28.75 4.01
CA THR A 330 -17.77 -29.41 4.13
C THR A 330 -17.95 -30.13 5.47
N GLY A 331 -16.90 -30.23 6.28
CA GLY A 331 -16.98 -30.84 7.58
C GLY A 331 -17.23 -32.34 7.61
N ASP A 332 -17.22 -33.01 6.46
CA ASP A 332 -17.44 -34.44 6.40
C ASP A 332 -16.14 -35.23 6.26
N THR A 333 -15.01 -34.63 6.59
CA THR A 333 -13.72 -35.31 6.59
C THR A 333 -13.13 -35.24 7.98
N CYS A 334 -12.68 -36.39 8.49
CA CYS A 334 -12.14 -36.44 9.84
C CYS A 334 -10.74 -35.84 9.90
N ASP A 335 -10.35 -35.44 11.12
CA ASP A 335 -8.99 -35.01 11.42
C ASP A 335 -8.54 -33.86 10.52
N LYS A 336 -9.47 -32.95 10.24
CA LYS A 336 -9.20 -31.79 9.40
C LYS A 336 -9.86 -30.58 10.02
N ILE A 337 -9.26 -29.41 9.79
CA ILE A 337 -9.84 -28.18 10.33
C ILE A 337 -11.24 -27.99 9.75
N GLY A 338 -12.21 -27.81 10.63
CA GLY A 338 -13.59 -27.70 10.21
C GLY A 338 -14.40 -28.98 10.28
N VAL A 339 -13.85 -30.05 10.84
CA VAL A 339 -14.56 -31.30 11.03
C VAL A 339 -15.88 -31.03 11.76
N SER A 340 -16.94 -31.73 11.34
CA SER A 340 -18.27 -31.45 11.88
C SER A 340 -18.99 -32.77 12.15
N TYR A 341 -20.32 -32.66 12.35
CA TYR A 341 -21.10 -33.77 12.88
C TYR A 341 -21.04 -34.99 11.98
N SER A 342 -21.13 -34.79 10.66
CA SER A 342 -21.19 -35.94 9.76
C SER A 342 -19.90 -36.76 9.84
N ALA A 343 -18.75 -36.10 9.86
CA ALA A 343 -17.49 -36.84 9.98
C ALA A 343 -17.39 -37.53 11.33
N PHE A 344 -17.82 -36.85 12.39
CA PHE A 344 -17.74 -37.41 13.73
C PHE A 344 -18.63 -38.65 13.88
N THR A 345 -19.86 -38.57 13.39
CA THR A 345 -20.81 -39.68 13.55
C THR A 345 -20.50 -40.82 12.59
N ASN A 346 -20.06 -40.52 11.38
CA ASN A 346 -19.90 -41.53 10.34
C ASN A 346 -18.51 -42.14 10.30
N GLU A 347 -17.69 -41.93 11.33
CA GLU A 347 -16.38 -42.56 11.34
C GLU A 347 -16.54 -44.07 11.51
N GLY A 348 -15.88 -44.83 10.65
CA GLY A 348 -15.93 -46.27 10.70
C GLY A 348 -15.48 -46.82 12.05
N GLN A 349 -16.28 -47.75 12.59
CA GLN A 349 -15.99 -48.40 13.88
C GLN A 349 -15.80 -47.36 14.97
N ARG A 350 -16.75 -46.42 15.04
CA ARG A 350 -16.62 -45.29 15.94
C ARG A 350 -16.50 -45.74 17.40
N CYS A 351 -17.32 -46.68 17.82
CA CYS A 351 -17.35 -47.08 19.23
C CYS A 351 -16.10 -47.83 19.66
N GLU A 352 -15.30 -48.31 18.72
CA GLU A 352 -14.07 -49.02 19.07
C GLU A 352 -12.88 -48.08 19.24
N ARG A 353 -13.02 -46.80 18.88
CA ARG A 353 -11.98 -45.77 18.87
C ARG A 353 -11.97 -45.00 20.20
N PRO A 354 -10.83 -44.46 20.59
CA PRO A 354 -10.78 -43.64 21.80
C PRO A 354 -11.53 -42.33 21.59
N THR A 355 -11.94 -41.73 22.70
CA THR A 355 -12.59 -40.43 22.64
C THR A 355 -11.69 -39.41 21.96
N GLN A 356 -12.31 -38.35 21.43
CA GLN A 356 -11.68 -37.30 20.63
C GLN A 356 -11.21 -37.82 19.28
N SER A 357 -11.53 -39.05 18.92
CA SER A 357 -11.25 -39.52 17.57
C SER A 357 -11.98 -38.66 16.56
N CYS A 358 -11.41 -38.57 15.36
CA CYS A 358 -11.92 -37.75 14.25
C CYS A 358 -11.69 -36.28 14.53
N LEU A 359 -11.16 -35.94 15.70
CA LEU A 359 -11.00 -34.55 16.11
C LEU A 359 -9.54 -34.15 16.27
N HIS A 360 -8.64 -34.78 15.53
CA HIS A 360 -7.23 -34.44 15.59
C HIS A 360 -6.89 -33.34 14.58
N ASP A 361 -5.70 -32.75 14.75
CA ASP A 361 -5.13 -31.80 13.80
C ASP A 361 -6.04 -30.59 13.57
N GLN A 362 -6.35 -29.90 14.67
CA GLN A 362 -7.16 -28.69 14.63
C GLN A 362 -6.28 -27.45 14.73
N LEU A 363 -6.92 -26.28 14.55
CA LEU A 363 -6.19 -25.02 14.61
C LEU A 363 -5.42 -24.88 15.92
N GLN A 364 -6.02 -25.35 17.02
CA GLN A 364 -5.35 -25.30 18.32
C GLN A 364 -4.07 -26.13 18.32
N ASP A 365 -4.05 -27.23 17.57
CA ASP A 365 -2.84 -28.05 17.51
C ASP A 365 -1.74 -27.38 16.72
N TYR A 366 -2.09 -26.70 15.62
CA TYR A 366 -1.12 -25.93 14.87
C TYR A 366 -0.59 -24.77 15.71
N TYR A 367 -1.48 -24.09 16.43
CA TYR A 367 -1.08 -23.02 17.33
C TYR A 367 -0.08 -23.50 18.37
N ASP A 368 -0.43 -24.56 19.10
CA ASP A 368 0.46 -25.08 20.13
C ASP A 368 1.80 -25.51 19.54
N SER A 369 1.77 -26.10 18.35
CA SER A 369 3.00 -26.55 17.71
C SER A 369 3.92 -25.37 17.41
N ASP A 370 3.37 -24.31 16.80
CA ASP A 370 4.19 -23.15 16.48
C ASP A 370 4.49 -22.32 17.72
N LEU A 371 3.60 -22.33 18.71
CA LEU A 371 3.87 -21.58 19.94
C LEU A 371 5.11 -22.13 20.65
N ALA A 372 5.21 -23.45 20.76
CA ALA A 372 6.38 -24.04 21.40
C ALA A 372 7.64 -23.75 20.62
N LEU A 373 7.54 -23.70 19.28
CA LEU A 373 8.69 -23.32 18.47
C LEU A 373 9.05 -21.84 18.68
N GLU A 374 8.03 -20.98 18.79
CA GLU A 374 8.28 -19.57 19.06
C GLU A 374 8.87 -19.39 20.46
N GLN A 375 8.36 -20.14 21.44
CA GLN A 375 8.86 -20.02 22.81
C GLN A 375 10.28 -20.58 22.98
N THR A 376 10.85 -21.18 21.94
CA THR A 376 12.20 -21.74 22.00
C THR A 376 13.10 -21.16 20.92
N GLY A 377 12.71 -20.04 20.31
CA GLY A 377 13.56 -19.39 19.33
C GLY A 377 13.70 -20.11 18.00
N LYS A 378 12.90 -21.13 17.74
CA LYS A 378 12.96 -21.83 16.47
C LYS A 378 11.96 -21.20 15.49
N VAL A 379 11.94 -21.72 14.27
CA VAL A 379 11.10 -21.21 13.20
C VAL A 379 10.00 -22.23 12.93
N GLY A 380 8.75 -21.80 13.03
CA GLY A 380 7.60 -22.65 12.81
C GLY A 380 7.14 -22.66 11.37
N SER A 381 5.90 -23.11 11.17
CA SER A 381 5.37 -23.33 9.82
C SER A 381 4.01 -22.71 9.58
N TYR A 382 3.39 -22.11 10.58
CA TYR A 382 2.03 -21.63 10.39
C TYR A 382 1.84 -20.16 10.75
N PHE A 383 2.41 -19.71 11.88
CA PHE A 383 2.35 -18.30 12.25
C PHE A 383 2.83 -17.41 11.11
N VAL A 384 2.18 -16.26 10.93
CA VAL A 384 2.54 -15.38 9.83
C VAL A 384 3.92 -14.77 10.04
N GLN A 385 4.36 -14.65 11.29
CA GLN A 385 5.68 -14.09 11.56
C GLN A 385 6.79 -14.94 10.97
N PHE A 386 6.54 -16.23 10.78
CA PHE A 386 7.51 -17.13 10.17
C PHE A 386 7.51 -17.06 8.65
N PHE A 387 6.62 -16.27 8.06
CA PHE A 387 6.57 -16.12 6.61
C PHE A 387 7.20 -14.84 6.10
N GLY A 388 7.49 -13.89 7.00
CA GLY A 388 8.14 -12.66 6.59
C GLY A 388 7.87 -11.55 7.59
N ASP A 389 7.94 -10.32 7.08
CA ASP A 389 7.77 -9.13 7.91
C ASP A 389 6.32 -8.70 7.85
N PHE A 390 5.49 -9.40 8.62
CA PHE A 390 4.05 -9.16 8.62
C PHE A 390 3.74 -7.78 9.21
N ASP A 391 2.88 -7.03 8.53
CA ASP A 391 2.52 -5.67 8.94
C ASP A 391 1.32 -5.74 9.88
N VAL A 392 1.54 -5.38 11.15
CA VAL A 392 0.48 -5.42 12.15
C VAL A 392 -0.13 -4.05 12.41
N SER A 393 0.32 -3.01 11.70
CA SER A 393 -0.13 -1.65 11.97
C SER A 393 -1.54 -1.40 11.40
N GLY A 394 -2.35 -0.69 12.17
CA GLY A 394 -3.63 -0.20 11.69
C GLY A 394 -4.69 -1.24 11.47
N LEU A 395 -4.50 -2.46 11.97
CA LEU A 395 -5.50 -3.50 11.79
C LEU A 395 -6.66 -3.30 12.77
N THR A 396 -7.87 -3.32 12.24
CA THR A 396 -9.10 -3.21 13.02
C THR A 396 -9.75 -4.58 13.16
N PRO A 397 -10.33 -4.88 14.32
CA PRO A 397 -10.95 -6.20 14.52
C PRO A 397 -12.03 -6.47 13.49
N ARG A 398 -12.08 -7.72 13.04
CA ARG A 398 -13.00 -8.26 12.04
C ARG A 398 -12.73 -7.73 10.63
N ASN A 399 -11.71 -6.91 10.43
CA ASN A 399 -11.31 -6.45 9.11
C ASN A 399 -9.80 -6.65 8.93
N PRO A 400 -9.35 -7.90 8.91
CA PRO A 400 -7.91 -8.16 8.85
C PRO A 400 -7.36 -7.99 7.44
N LEU A 401 -6.03 -7.99 7.35
CA LEU A 401 -5.33 -7.89 6.09
C LEU A 401 -4.09 -8.77 6.13
N LEU A 402 -3.60 -9.13 4.95
CA LEU A 402 -2.44 -10.00 4.80
C LEU A 402 -1.39 -9.23 4.00
N ARG A 403 -0.49 -8.57 4.71
CA ARG A 403 0.47 -7.65 4.11
C ARG A 403 1.86 -7.93 4.66
N PHE A 404 2.84 -8.07 3.77
CA PHE A 404 4.22 -8.36 4.14
C PHE A 404 5.15 -7.29 3.58
N PHE A 405 6.01 -6.75 4.43
CA PHE A 405 7.05 -5.83 3.98
C PHE A 405 8.20 -6.62 3.37
N THR A 406 8.89 -5.99 2.42
CA THR A 406 9.88 -6.69 1.60
C THR A 406 11.25 -6.02 1.69
N ASN A 407 12.19 -6.65 1.01
CA ASN A 407 13.57 -6.20 0.82
C ASN A 407 13.68 -5.14 -0.27
N ARG A 408 12.65 -5.02 -1.11
CA ARG A 408 12.81 -4.43 -2.43
C ARG A 408 13.20 -2.95 -2.36
N THR A 409 14.08 -2.54 -3.27
CA THR A 409 14.34 -1.15 -3.57
C THR A 409 14.16 -0.95 -5.07
N GLN A 410 13.31 0.00 -5.44
CA GLN A 410 13.07 0.29 -6.85
C GLN A 410 12.81 1.78 -7.04
N ALA A 411 13.24 2.28 -8.19
CA ALA A 411 13.01 3.68 -8.53
C ALA A 411 11.63 3.84 -9.17
N THR A 412 11.01 4.99 -8.89
CA THR A 412 9.70 5.31 -9.42
C THR A 412 9.72 6.75 -9.92
N GLU A 413 9.30 6.94 -11.18
CA GLU A 413 9.30 8.27 -11.78
C GLU A 413 8.07 9.04 -11.31
N VAL A 414 8.30 10.26 -10.84
CA VAL A 414 7.25 11.14 -10.36
C VAL A 414 7.20 12.37 -11.26
N VAL A 415 6.07 12.59 -11.90
CA VAL A 415 5.88 13.71 -12.81
C VAL A 415 5.14 14.81 -12.07
N LEU A 416 5.70 16.02 -12.11
CA LEU A 416 5.15 17.16 -11.40
C LEU A 416 4.70 18.22 -12.39
N GLN A 417 3.56 18.85 -12.12
CA GLN A 417 3.02 19.91 -12.94
C GLN A 417 2.73 21.13 -12.08
N PHE A 418 3.05 22.31 -12.60
CA PHE A 418 2.90 23.55 -11.86
C PHE A 418 2.18 24.58 -12.71
N ALA A 419 1.14 25.20 -12.16
CA ALA A 419 0.48 26.31 -12.82
C ALA A 419 1.43 27.50 -12.85
N ALA A 420 1.94 27.83 -14.04
CA ALA A 420 2.98 28.83 -14.17
C ALA A 420 2.49 30.26 -13.95
N GLU A 421 1.21 30.46 -13.61
CA GLU A 421 0.69 31.81 -13.49
C GLU A 421 1.39 32.60 -12.40
N GLU A 422 1.71 31.96 -11.28
CA GLU A 422 2.38 32.64 -10.18
C GLU A 422 3.82 32.21 -9.98
N LEU A 423 4.21 31.04 -10.48
CA LEU A 423 5.59 30.59 -10.28
C LEU A 423 6.58 31.30 -11.20
N PHE A 424 6.14 31.75 -12.38
CA PHE A 424 7.03 32.37 -13.33
C PHE A 424 6.41 33.65 -13.88
N TYR A 425 7.28 34.59 -14.25
CA TYR A 425 6.91 35.70 -15.10
C TYR A 425 7.59 35.54 -16.46
N THR A 426 6.92 36.03 -17.50
CA THR A 426 7.38 35.79 -18.85
C THR A 426 8.49 36.76 -19.23
N ILE A 427 9.43 36.28 -20.04
CA ILE A 427 10.54 37.08 -20.56
C ILE A 427 10.64 36.81 -22.05
N TYR A 428 10.50 37.86 -22.86
CA TYR A 428 10.43 37.75 -24.31
C TYR A 428 11.78 38.07 -24.94
N LEU A 429 12.11 37.33 -26.00
CA LEU A 429 13.39 37.46 -26.69
C LEU A 429 13.12 37.65 -28.17
N ALA A 430 13.35 38.85 -28.66
CA ALA A 430 13.18 39.15 -30.07
C ALA A 430 14.53 39.38 -30.73
N PRO A 431 14.64 39.16 -32.04
CA PRO A 431 15.86 39.55 -32.76
C PRO A 431 16.00 41.07 -32.77
N ALA A 432 17.25 41.52 -32.84
CA ALA A 432 17.53 42.94 -32.82
C ALA A 432 18.83 43.21 -33.57
N ARG A 433 18.80 44.17 -34.49
CA ARG A 433 19.93 44.49 -35.33
C ARG A 433 20.36 45.93 -35.10
N PHE A 434 21.61 46.22 -35.46
CA PHE A 434 22.08 47.58 -35.62
C PHE A 434 21.81 48.02 -37.05
N LEU A 435 21.14 49.16 -37.20
CA LEU A 435 20.88 49.73 -38.52
C LEU A 435 22.17 50.38 -39.01
N ARG A 436 22.91 49.65 -39.84
CA ARG A 436 24.22 50.12 -40.28
C ARG A 436 24.11 51.34 -41.19
N HIS A 437 23.07 51.41 -42.02
CA HIS A 437 22.93 52.53 -42.94
C HIS A 437 22.57 53.83 -42.25
N LEU A 438 22.21 53.81 -40.97
CA LEU A 438 21.83 55.01 -40.24
C LEU A 438 22.71 55.34 -39.05
N SER A 439 23.28 54.33 -38.38
CA SER A 439 24.10 54.57 -37.20
C SER A 439 25.47 55.08 -37.62
N LYS A 440 25.75 56.35 -37.36
CA LYS A 440 27.02 56.98 -37.69
C LYS A 440 27.63 57.57 -36.42
N ILE A 441 28.74 58.27 -36.59
CA ILE A 441 29.36 59.06 -35.53
C ILE A 441 29.83 60.37 -36.13
N ASN A 442 29.36 61.49 -35.58
CA ASN A 442 29.80 62.79 -36.05
C ASN A 442 31.17 63.14 -35.47
N PRO A 443 32.00 63.91 -36.20
CA PRO A 443 33.36 64.26 -35.77
C PRO A 443 33.43 65.06 -34.47
N GLY A 450 33.54 65.95 -30.83
CA GLY A 450 32.88 65.52 -29.61
C GLY A 450 32.32 64.12 -29.71
N GLY A 451 32.49 63.33 -28.66
CA GLY A 451 32.08 61.94 -28.67
C GLY A 451 30.60 61.72 -28.47
N LEU A 452 29.86 61.54 -29.57
CA LEU A 452 28.44 61.25 -29.51
C LEU A 452 28.12 60.17 -30.54
N ILE A 453 27.72 59.00 -30.07
CA ILE A 453 27.47 57.84 -30.92
C ILE A 453 25.97 57.76 -31.19
N ASP A 454 25.57 57.96 -32.44
CA ASP A 454 24.17 57.85 -32.83
C ASP A 454 23.91 56.41 -33.29
N LEU A 455 23.12 55.66 -32.52
CA LEU A 455 22.87 54.26 -32.77
C LEU A 455 21.38 54.02 -33.02
N TRP A 456 21.09 53.21 -34.04
CA TRP A 456 19.72 52.85 -34.41
C TRP A 456 19.56 51.35 -34.30
N ILE A 457 18.58 50.92 -33.50
CA ILE A 457 18.31 49.50 -33.29
C ILE A 457 16.87 49.21 -33.72
N VAL A 458 16.68 48.06 -34.37
CA VAL A 458 15.37 47.62 -34.81
C VAL A 458 15.12 46.23 -34.27
N SER A 459 13.89 45.98 -33.81
CA SER A 459 13.42 44.65 -33.50
C SER A 459 12.50 44.21 -34.63
N GLU A 460 12.87 43.15 -35.33
CA GLU A 460 12.10 42.67 -36.47
C GLU A 460 11.30 41.44 -36.10
N GLY A 461 10.12 41.34 -36.70
CA GLY A 461 9.12 40.35 -36.34
C GLY A 461 7.83 40.99 -35.93
N THR A 462 6.88 40.14 -35.56
CA THR A 462 5.56 40.58 -35.11
C THR A 462 5.37 40.22 -33.65
N GLY A 463 4.62 41.06 -32.95
CA GLY A 463 4.33 40.82 -31.55
C GLY A 463 4.10 42.13 -30.82
N GLN A 464 3.41 42.02 -29.69
CA GLN A 464 3.07 43.18 -28.86
C GLN A 464 3.76 43.14 -27.50
N ASN A 465 4.65 42.17 -27.28
CA ASN A 465 5.36 42.03 -26.01
C ASN A 465 6.78 42.57 -26.19
N ALA A 466 7.08 43.67 -25.49
CA ALA A 466 8.38 44.31 -25.62
C ALA A 466 9.47 43.44 -25.02
N ALA A 467 10.68 43.59 -25.56
CA ALA A 467 11.85 42.90 -25.05
C ALA A 467 12.89 43.94 -24.63
N GLN A 468 13.56 43.68 -23.52
CA GLN A 468 14.59 44.59 -23.02
C GLN A 468 15.94 44.20 -23.61
N PHE A 469 16.67 45.20 -24.09
CA PHE A 469 17.97 45.01 -24.72
C PHE A 469 19.00 45.92 -24.06
N THR A 470 20.24 45.45 -24.00
CA THR A 470 21.35 46.21 -23.45
C THR A 470 22.30 46.58 -24.57
N VAL A 471 22.70 47.84 -24.63
CA VAL A 471 23.65 48.35 -25.63
C VAL A 471 24.89 48.81 -24.89
N SER A 472 26.04 48.27 -25.26
CA SER A 472 27.32 48.65 -24.67
C SER A 472 28.25 49.19 -25.75
N ALA A 473 29.20 50.02 -25.33
CA ALA A 473 30.16 50.64 -26.24
C ALA A 473 31.55 50.57 -25.63
N SER A 474 32.52 50.17 -26.42
CA SER A 474 33.90 49.98 -25.96
C SER A 474 34.85 50.74 -26.90
N CYS A 475 34.79 52.06 -26.84
CA CYS A 475 35.74 52.90 -27.56
C CYS A 475 37.05 52.92 -26.79
N GLU A 476 38.11 52.40 -27.40
CA GLU A 476 39.30 51.99 -26.65
C GLU A 476 40.40 53.05 -26.55
N PRO A 477 40.84 53.69 -27.66
CA PRO A 477 42.01 54.58 -27.56
C PRO A 477 41.73 55.91 -26.88
N ASN A 478 42.13 56.02 -25.60
CA ASN A 478 42.07 57.26 -24.84
C ASN A 478 40.66 57.85 -24.80
N VAL A 479 39.68 56.99 -24.52
CA VAL A 479 38.27 57.38 -24.43
C VAL A 479 37.75 56.98 -23.06
N GLU A 480 37.14 57.93 -22.35
CA GLU A 480 36.57 57.66 -21.04
C GLU A 480 35.45 56.63 -21.14
N PRO A 481 35.17 55.91 -20.06
CA PRO A 481 34.19 54.82 -20.13
C PRO A 481 32.80 55.31 -20.51
N ILE A 482 32.05 54.43 -21.17
CA ILE A 482 30.69 54.69 -21.61
C ILE A 482 29.77 53.69 -20.92
N GLN A 483 28.75 54.18 -20.23
CA GLN A 483 27.85 53.31 -19.49
C GLN A 483 26.81 52.71 -20.45
N ALA A 484 26.62 51.40 -20.34
CA ALA A 484 25.61 50.72 -21.14
C ALA A 484 24.21 51.25 -20.78
N GLN A 485 23.25 50.96 -21.65
CA GLN A 485 21.89 51.45 -21.47
C GLN A 485 20.90 50.38 -21.88
N ILE A 486 19.89 50.17 -21.04
CA ILE A 486 18.81 49.24 -21.33
C ILE A 486 17.81 49.92 -22.25
N VAL A 487 17.43 49.23 -23.33
CA VAL A 487 16.42 49.71 -24.27
C VAL A 487 15.31 48.69 -24.32
N THR A 488 14.08 49.17 -24.48
CA THR A 488 12.90 48.31 -24.58
C THR A 488 12.31 48.44 -25.98
N LEU A 489 12.10 47.30 -26.63
CA LEU A 489 11.61 47.27 -28.01
C LEU A 489 10.60 46.14 -28.18
N ALA A 490 9.43 46.49 -28.69
CA ALA A 490 8.47 45.50 -29.14
C ALA A 490 8.76 45.12 -30.58
N PRO A 491 8.36 43.93 -31.02
CA PRO A 491 8.61 43.54 -32.41
C PRO A 491 8.02 44.55 -33.39
N GLY A 492 8.85 44.97 -34.34
CA GLY A 492 8.46 45.98 -35.30
C GLY A 492 8.86 47.40 -34.95
N GLN A 493 9.36 47.64 -33.74
CA GLN A 493 9.72 48.97 -33.30
C GLN A 493 11.15 49.33 -33.71
N LEU A 494 11.51 50.59 -33.47
CA LEU A 494 12.78 51.13 -33.95
C LEU A 494 13.07 52.40 -33.17
N VAL A 495 14.20 52.43 -32.45
CA VAL A 495 14.55 53.58 -31.62
C VAL A 495 16.01 53.96 -31.87
N SER A 496 16.33 55.21 -31.53
CA SER A 496 17.67 55.76 -31.65
C SER A 496 18.09 56.33 -30.30
N ILE A 497 19.32 56.01 -29.89
CA ILE A 497 19.90 56.53 -28.66
C ILE A 497 21.29 57.06 -28.96
N SER A 498 21.69 58.11 -28.24
CA SER A 498 23.00 58.71 -28.38
C SER A 498 23.86 58.37 -27.16
N LEU A 499 25.10 57.96 -27.40
CA LEU A 499 26.04 57.65 -26.34
C LEU A 499 27.15 58.68 -26.30
N PRO A 500 27.39 59.32 -25.14
CA PRO A 500 28.42 60.38 -25.00
C PRO A 500 29.83 59.83 -24.88
N ALA A 510 41.15 59.22 -34.08
CA ALA A 510 41.98 58.07 -34.37
C ALA A 510 41.47 56.83 -33.63
N GLY A 511 40.19 56.86 -33.23
CA GLY A 511 39.62 55.83 -32.40
C GLY A 511 38.59 54.97 -33.13
N VAL A 512 38.22 53.89 -32.45
CA VAL A 512 37.24 52.92 -32.95
C VAL A 512 36.36 52.49 -31.78
N CYS A 513 35.07 52.31 -32.03
CA CYS A 513 34.10 51.94 -31.00
C CYS A 513 33.52 50.57 -31.31
N ASN A 514 33.69 49.64 -30.37
CA ASN A 514 33.02 48.34 -30.42
C ASN A 514 31.66 48.47 -29.74
N CYS A 515 30.59 48.43 -30.52
CA CYS A 515 29.23 48.52 -30.01
C CYS A 515 28.58 47.15 -30.07
N THR A 516 28.08 46.67 -28.93
CA THR A 516 27.52 45.33 -28.81
C THR A 516 26.07 45.39 -28.37
N LEU A 517 25.23 44.57 -29.00
CA LEU A 517 23.82 44.42 -28.64
C LEU A 517 23.63 43.14 -27.85
N ARG A 518 23.01 43.25 -26.68
CA ARG A 518 22.83 42.12 -25.79
C ARG A 518 21.35 41.95 -25.43
N ASN A 519 20.96 40.69 -25.20
CA ASN A 519 19.59 40.36 -24.83
C ASN A 519 19.33 40.71 -23.37
N ALA A 520 18.07 40.53 -22.97
CA ALA A 520 17.70 40.79 -21.57
C ALA A 520 18.42 39.83 -20.63
N LEU A 521 18.77 38.63 -21.11
CA LEU A 521 19.36 37.61 -20.25
C LEU A 521 20.50 36.91 -21.00
N GLY A 522 21.73 37.26 -20.65
CA GLY A 522 22.93 36.54 -21.05
C GLY A 522 23.06 36.10 -22.50
N GLN A 523 22.87 37.02 -23.43
CA GLN A 523 23.04 36.71 -24.84
C GLN A 523 23.56 37.96 -25.56
N VAL A 524 24.16 37.75 -26.73
CA VAL A 524 24.65 38.83 -27.57
C VAL A 524 24.07 38.64 -28.96
N LEU A 525 23.55 39.72 -29.53
CA LEU A 525 22.86 39.67 -30.82
C LEU A 525 23.71 40.26 -31.94
N ASP A 526 24.08 41.53 -31.86
CA ASP A 526 24.77 42.21 -32.95
C ASP A 526 25.89 43.08 -32.42
N VAL A 527 26.98 43.14 -33.17
CA VAL A 527 28.14 43.97 -32.85
C VAL A 527 28.57 44.71 -34.09
N LEU A 528 28.79 46.02 -33.96
CA LEU A 528 29.25 46.86 -35.07
C LEU A 528 30.44 47.69 -34.64
N VAL A 529 31.40 47.84 -35.56
CA VAL A 529 32.61 48.63 -35.34
C VAL A 529 32.49 49.93 -36.11
N LEU A 530 32.72 51.05 -35.43
CA LEU A 530 32.60 52.37 -36.05
C LEU A 530 33.80 53.22 -35.66
N GLU A 531 34.37 53.89 -36.65
CA GLU A 531 35.51 54.78 -36.41
C GLU A 531 35.04 56.09 -35.77
N PHE A 532 36.00 56.81 -35.21
CA PHE A 532 35.71 58.04 -34.47
C PHE A 532 36.84 59.03 -34.67
N ASN A 533 36.48 60.31 -34.81
CA ASN A 533 37.44 61.39 -35.04
C ASN A 533 38.31 61.12 -36.25
#